data_7EHM
#
_entry.id   7EHM
#
_cell.length_a   114.232
_cell.length_b   114.232
_cell.length_c   114.164
_cell.angle_alpha   90.000
_cell.angle_beta   90.000
_cell.angle_gamma   120.000
#
_symmetry.space_group_name_H-M   'P 65'
#
loop_
_entity.id
_entity.type
_entity.pdbx_description
1 polymer 'Bifunctional methylenetetrahydrofolate dehydrogenase/cyclohydrolase, mitochondrial'
2 non-polymer '(2S)-2-[[4-[[1-[(3,4-dichlorophenyl)methyl]-3,7-dimethyl-2,6-bis(oxidanylidene)purin-8-yl]amino]phenyl]carbonylamino]pentanedioic acid'
3 non-polymer '(2S)-2-[[4-[(4-azanyl-6-oxidanyl-pyrimidin-5-yl)carbamoylamino]phenyl]carbonylamino]pentanedioic acid'
4 water water
#
_entity_poly.entity_id   1
_entity_poly.type   'polypeptide(L)'
_entity_poly.pdbx_seq_one_letter_code
;EAVVISGRKLAQQIKQEVRQEVEEWVASGNKRPHLSVILVGENPASHSYVLNKTRAAAVVGINSETIMKPASISEEELLN
LINKLNNDDNVDGLLVQLPLPEHIDERRICNAVSPDKDVDGFHVINVGRMCLDQYSMLPATPWGVWEIIKRTGIPTLGKN
VVVAGRSKNVGMPIAMLLHTDGAHERPGGDATVTISHRYTPKEQLKKHTILADIVISAAGIPNLITADMIKEGAAVIDVG
INRVHDPVTAKPKLVGDVDFEGVRQKAGYITPVPGGVGPMTVAMLMKNTIIAAKKVLRLEEREVLKSKELGVATN
;
_entity_poly.pdbx_strand_id   A,B
#
# COMPACT_ATOMS: atom_id res chain seq x y z
N GLU A 1 -14.05 21.80 25.24
CA GLU A 1 -14.72 21.37 24.02
C GLU A 1 -13.75 21.25 22.83
N ALA A 2 -14.12 20.40 21.87
CA ALA A 2 -13.29 20.20 20.68
C ALA A 2 -13.29 21.44 19.80
N VAL A 3 -12.10 21.89 19.42
CA VAL A 3 -12.02 22.87 18.35
C VAL A 3 -12.41 22.25 17.01
N VAL A 4 -13.30 22.94 16.30
CA VAL A 4 -13.78 22.52 15.01
C VAL A 4 -12.84 23.09 13.95
N ILE A 5 -12.31 22.21 13.09
CA ILE A 5 -11.47 22.62 11.99
C ILE A 5 -12.35 22.85 10.77
N SER A 6 -12.33 24.05 10.23
CA SER A 6 -13.13 24.32 9.03
C SER A 6 -12.34 23.86 7.82
N GLY A 7 -12.74 22.72 7.25
CA GLY A 7 -12.15 22.30 5.99
C GLY A 7 -12.41 23.30 4.88
N ARG A 8 -13.61 23.89 4.85
CA ARG A 8 -13.92 24.88 3.83
C ARG A 8 -12.94 26.05 3.89
N LYS A 9 -12.71 26.60 5.09
CA LYS A 9 -11.84 27.78 5.22
C LYS A 9 -10.40 27.45 4.85
N LEU A 10 -9.88 26.31 5.31
CA LEU A 10 -8.52 25.92 4.98
C LEU A 10 -8.38 25.65 3.48
N ALA A 11 -9.38 25.01 2.87
CA ALA A 11 -9.34 24.80 1.43
C ALA A 11 -9.35 26.11 0.67
N GLN A 12 -10.14 27.08 1.12
CA GLN A 12 -10.18 28.37 0.44
C GLN A 12 -8.83 29.07 0.48
N GLN A 13 -8.09 28.96 1.58
CA GLN A 13 -6.81 29.65 1.50
C GLN A 13 -5.77 28.86 0.71
N ILE A 14 -5.86 27.52 0.68
CA ILE A 14 -5.00 26.78 -0.23
C ILE A 14 -5.29 27.18 -1.67
N LYS A 15 -6.57 27.34 -2.00
CA LYS A 15 -6.92 27.80 -3.33
C LYS A 15 -6.33 29.18 -3.62
N GLN A 16 -6.30 30.07 -2.62
CA GLN A 16 -5.67 31.38 -2.84
C GLN A 16 -4.18 31.22 -3.13
N GLU A 17 -3.51 30.28 -2.44
CA GLU A 17 -2.12 29.96 -2.77
C GLU A 17 -1.99 29.42 -4.18
N VAL A 18 -2.93 28.58 -4.63
CA VAL A 18 -2.81 28.03 -5.98
C VAL A 18 -3.01 29.13 -7.01
N ARG A 19 -4.01 29.98 -6.81
CA ARG A 19 -4.27 31.08 -7.72
C ARG A 19 -3.01 31.90 -7.97
N GLN A 20 -2.31 32.29 -6.90
CA GLN A 20 -1.16 33.16 -7.13
C GLN A 20 -0.03 32.40 -7.81
N GLU A 21 0.11 31.09 -7.53
CA GLU A 21 1.06 30.28 -8.29
C GLU A 21 0.66 30.20 -9.77
N VAL A 22 -0.64 30.03 -10.05
CA VAL A 22 -1.10 29.99 -11.43
C VAL A 22 -0.89 31.34 -12.13
N GLU A 23 -1.29 32.43 -11.47
CA GLU A 23 -1.10 33.74 -12.09
C GLU A 23 0.38 34.05 -12.31
N GLU A 24 1.26 33.59 -11.41
CA GLU A 24 2.71 33.74 -11.62
C GLU A 24 3.16 32.98 -12.85
N TRP A 25 2.70 31.73 -12.98
CA TRP A 25 3.11 30.87 -14.08
C TRP A 25 2.68 31.46 -15.43
N VAL A 26 1.50 32.09 -15.46
CA VAL A 26 1.01 32.70 -16.68
C VAL A 26 1.72 34.03 -16.96
N ALA A 27 1.86 34.89 -15.95
CA ALA A 27 2.59 36.15 -16.16
C ALA A 27 4.00 35.87 -16.66
N SER A 28 4.60 34.75 -16.22
CA SER A 28 5.91 34.32 -16.68
C SER A 28 5.92 33.86 -18.14
N GLY A 29 4.79 33.90 -18.84
CA GLY A 29 4.76 33.57 -20.24
C GLY A 29 4.29 32.18 -20.61
N ASN A 30 3.75 31.41 -19.66
CA ASN A 30 3.35 30.03 -19.92
C ASN A 30 1.85 29.92 -20.17
N LYS A 31 1.46 28.82 -20.83
CA LYS A 31 0.05 28.55 -21.08
C LYS A 31 -0.73 28.49 -19.76
N ARG A 32 -1.93 29.05 -19.76
CA ARG A 32 -2.81 28.89 -18.60
C ARG A 32 -3.17 27.40 -18.43
N PRO A 33 -3.09 26.85 -17.23
CA PRO A 33 -3.41 25.43 -17.04
C PRO A 33 -4.85 25.10 -17.41
N HIS A 34 -5.07 23.86 -17.83
CA HIS A 34 -6.42 23.39 -18.17
C HIS A 34 -6.65 22.01 -17.58
N LEU A 35 -7.78 21.85 -16.89
CA LEU A 35 -8.22 20.58 -16.32
C LEU A 35 -9.43 20.06 -17.09
N SER A 36 -9.36 18.80 -17.54
CA SER A 36 -10.48 18.13 -18.18
C SER A 36 -11.02 17.03 -17.27
N VAL A 37 -12.33 17.04 -17.02
CA VAL A 37 -13.00 16.04 -16.21
C VAL A 37 -13.98 15.27 -17.09
N ILE A 38 -13.91 13.95 -17.08
CA ILE A 38 -14.88 13.11 -17.79
C ILE A 38 -15.91 12.58 -16.81
N LEU A 39 -17.18 12.89 -17.05
CA LEU A 39 -18.28 12.44 -16.21
C LEU A 39 -19.21 11.56 -17.05
N VAL A 40 -19.45 10.34 -16.58
CA VAL A 40 -20.23 9.35 -17.33
C VAL A 40 -21.50 9.05 -16.54
N GLY A 41 -22.67 9.21 -17.20
CA GLY A 41 -23.92 8.87 -16.55
C GLY A 41 -24.49 9.98 -15.67
N GLU A 42 -25.35 9.58 -14.72
CA GLU A 42 -26.21 10.52 -14.02
C GLU A 42 -26.15 10.37 -12.50
N ASN A 43 -25.08 9.83 -11.95
CA ASN A 43 -24.96 9.70 -10.50
C ASN A 43 -25.01 11.09 -9.87
N PRO A 44 -26.04 11.42 -9.08
CA PRO A 44 -26.13 12.78 -8.54
C PRO A 44 -24.95 13.17 -7.65
N ALA A 45 -24.38 12.23 -6.90
CA ALA A 45 -23.19 12.56 -6.11
C ALA A 45 -22.03 12.93 -7.00
N SER A 46 -21.84 12.19 -8.10
CA SER A 46 -20.74 12.49 -9.01
C SER A 46 -20.89 13.87 -9.63
N HIS A 47 -22.11 14.22 -10.03
CA HIS A 47 -22.30 15.53 -10.66
C HIS A 47 -22.05 16.66 -9.67
N SER A 48 -22.49 16.51 -8.42
CA SER A 48 -22.22 17.52 -7.41
C SER A 48 -20.71 17.68 -7.19
N TYR A 49 -19.98 16.57 -7.04
CA TYR A 49 -18.55 16.65 -6.76
C TYR A 49 -17.77 17.27 -7.93
N VAL A 50 -18.13 16.91 -9.16
CA VAL A 50 -17.47 17.49 -10.32
C VAL A 50 -17.79 18.98 -10.41
N LEU A 51 -19.02 19.37 -10.07
CA LEU A 51 -19.33 20.79 -10.04
C LEU A 51 -18.44 21.53 -9.05
N ASN A 52 -18.23 20.97 -7.86
CA ASN A 52 -17.33 21.63 -6.91
C ASN A 52 -15.89 21.72 -7.46
N LYS A 53 -15.45 20.73 -8.24
CA LYS A 53 -14.09 20.73 -8.79
C LYS A 53 -13.92 21.81 -9.85
N THR A 54 -14.88 21.91 -10.77
CA THR A 54 -14.77 22.91 -11.82
C THR A 54 -15.01 24.33 -11.29
N ARG A 55 -15.82 24.47 -10.24
CA ARG A 55 -15.95 25.79 -9.61
C ARG A 55 -14.61 26.22 -9.02
N ALA A 56 -13.94 25.31 -8.33
CA ALA A 56 -12.65 25.61 -7.71
C ALA A 56 -11.61 25.96 -8.76
N ALA A 57 -11.64 25.25 -9.90
CA ALA A 57 -10.71 25.56 -10.97
C ALA A 57 -10.89 27.00 -11.45
N ALA A 58 -12.14 27.45 -11.55
CA ALA A 58 -12.40 28.84 -11.94
C ALA A 58 -11.85 29.81 -10.90
N VAL A 59 -12.09 29.54 -9.62
CA VAL A 59 -11.59 30.39 -8.53
C VAL A 59 -10.08 30.55 -8.61
N VAL A 60 -9.35 29.51 -9.01
CA VAL A 60 -7.88 29.58 -8.99
C VAL A 60 -7.30 29.90 -10.36
N GLY A 61 -8.12 30.23 -11.35
CA GLY A 61 -7.57 30.62 -12.65
C GLY A 61 -7.15 29.49 -13.56
N ILE A 62 -7.60 28.27 -13.30
CA ILE A 62 -7.34 27.12 -14.17
C ILE A 62 -8.53 26.95 -15.09
N ASN A 63 -8.30 26.93 -16.39
CA ASN A 63 -9.38 26.63 -17.32
C ASN A 63 -9.86 25.18 -17.11
N SER A 64 -11.14 24.93 -17.40
CA SER A 64 -11.63 23.56 -17.23
C SER A 64 -12.79 23.27 -18.15
N GLU A 65 -13.01 21.98 -18.38
CA GLU A 65 -14.19 21.48 -19.05
C GLU A 65 -14.65 20.20 -18.35
N THR A 66 -15.95 20.03 -18.21
CA THR A 66 -16.52 18.75 -17.87
C THR A 66 -17.11 18.16 -19.14
N ILE A 67 -16.63 16.98 -19.52
CA ILE A 67 -17.13 16.27 -20.70
C ILE A 67 -18.08 15.20 -20.19
N MET A 68 -19.38 15.41 -20.37
CA MET A 68 -20.38 14.46 -19.88
C MET A 68 -20.81 13.54 -21.01
N LYS A 69 -20.79 12.24 -20.72
CA LYS A 69 -21.13 11.17 -21.64
C LYS A 69 -22.23 10.30 -21.04
N PRO A 70 -23.06 9.66 -21.87
CA PRO A 70 -24.10 8.79 -21.33
C PRO A 70 -23.54 7.48 -20.81
N ALA A 71 -24.25 6.90 -19.85
CA ALA A 71 -23.79 5.66 -19.24
C ALA A 71 -23.74 4.51 -20.24
N SER A 72 -24.38 4.66 -21.41
CA SER A 72 -24.34 3.61 -22.43
C SER A 72 -23.08 3.62 -23.27
N ILE A 73 -22.16 4.58 -23.06
CA ILE A 73 -20.97 4.56 -23.90
C ILE A 73 -20.17 3.28 -23.66
N SER A 74 -19.40 2.90 -24.66
CA SER A 74 -18.61 1.69 -24.50
C SER A 74 -17.23 2.02 -23.97
N GLU A 75 -16.57 0.99 -23.45
CA GLU A 75 -15.22 1.14 -22.94
C GLU A 75 -14.27 1.67 -24.02
N GLU A 76 -14.40 1.16 -25.25
CA GLU A 76 -13.53 1.58 -26.33
C GLU A 76 -13.75 3.06 -26.67
N GLU A 77 -15.00 3.52 -26.67
CA GLU A 77 -15.27 4.94 -26.87
C GLU A 77 -14.65 5.79 -25.76
N LEU A 78 -14.75 5.35 -24.50
CA LEU A 78 -14.15 6.12 -23.41
C LEU A 78 -12.64 6.16 -23.57
N LEU A 79 -12.03 5.03 -23.94
CA LEU A 79 -10.60 4.98 -24.19
C LEU A 79 -10.19 5.88 -25.34
N ASN A 80 -11.04 6.02 -26.36
CA ASN A 80 -10.71 6.90 -27.49
C ASN A 80 -10.73 8.35 -27.06
N LEU A 81 -11.68 8.73 -26.21
CA LEU A 81 -11.74 10.09 -25.69
C LEU A 81 -10.49 10.40 -24.87
N ILE A 82 -10.09 9.45 -24.02
CA ILE A 82 -8.94 9.63 -23.15
C ILE A 82 -7.66 9.75 -23.97
N ASN A 83 -7.51 8.90 -24.99
CA ASN A 83 -6.37 9.02 -25.88
C ASN A 83 -6.32 10.39 -26.55
N LYS A 84 -7.48 10.90 -26.97
CA LYS A 84 -7.53 12.25 -27.56
C LYS A 84 -7.06 13.30 -26.56
N LEU A 85 -7.56 13.25 -25.33
CA LEU A 85 -7.19 14.25 -24.34
C LEU A 85 -5.73 14.09 -23.92
N ASN A 86 -5.21 12.86 -23.92
CA ASN A 86 -3.80 12.60 -23.65
C ASN A 86 -2.90 13.32 -24.67
N ASN A 87 -3.32 13.33 -25.92
CA ASN A 87 -2.49 13.88 -26.99
C ASN A 87 -2.75 15.36 -27.22
N ASP A 88 -3.68 15.95 -26.48
CA ASP A 88 -4.04 17.36 -26.62
C ASP A 88 -3.12 18.19 -25.72
N ASP A 89 -2.17 18.90 -26.33
CA ASP A 89 -1.17 19.67 -25.60
C ASP A 89 -1.78 20.80 -24.77
N ASN A 90 -3.04 21.18 -25.01
CA ASN A 90 -3.69 22.14 -24.14
C ASN A 90 -4.16 21.55 -22.81
N VAL A 91 -4.30 20.24 -22.71
CA VAL A 91 -4.82 19.60 -21.51
C VAL A 91 -3.66 19.26 -20.59
N ASP A 92 -3.63 19.86 -19.40
CA ASP A 92 -2.62 19.50 -18.41
C ASP A 92 -3.07 18.42 -17.46
N GLY A 93 -4.31 18.50 -16.98
CA GLY A 93 -4.85 17.53 -16.04
C GLY A 93 -6.05 16.81 -16.63
N LEU A 94 -6.13 15.51 -16.39
CA LEU A 94 -7.23 14.68 -16.89
C LEU A 94 -7.62 13.71 -15.79
N LEU A 95 -8.90 13.71 -15.41
CA LEU A 95 -9.38 12.69 -14.49
C LEU A 95 -10.77 12.23 -14.93
N VAL A 96 -11.05 10.96 -14.64
CA VAL A 96 -12.35 10.36 -14.90
C VAL A 96 -13.05 10.26 -13.56
N GLN A 97 -14.25 10.82 -13.45
CA GLN A 97 -14.97 10.72 -12.19
C GLN A 97 -15.48 9.29 -12.03
N LEU A 98 -15.30 8.72 -10.83
CA LEU A 98 -15.77 7.36 -10.55
C LEU A 98 -16.95 7.40 -9.58
N PRO A 99 -17.82 6.35 -9.58
CA PRO A 99 -17.74 5.09 -10.32
C PRO A 99 -18.26 5.17 -11.76
N LEU A 100 -17.77 4.29 -12.58
CA LEU A 100 -18.19 4.10 -13.96
C LEU A 100 -19.19 2.94 -14.07
N PRO A 101 -19.96 2.87 -15.16
CA PRO A 101 -20.91 1.76 -15.32
C PRO A 101 -20.18 0.43 -15.29
N GLU A 102 -20.95 -0.64 -15.04
CA GLU A 102 -20.30 -1.92 -14.79
C GLU A 102 -19.65 -2.51 -16.04
N HIS A 103 -20.09 -2.13 -17.25
CA HIS A 103 -19.45 -2.66 -18.45
C HIS A 103 -18.12 -1.99 -18.80
N ILE A 104 -17.61 -1.10 -17.96
CA ILE A 104 -16.35 -0.44 -18.22
C ILE A 104 -15.39 -0.82 -17.12
N ASP A 105 -14.21 -1.30 -17.49
CA ASP A 105 -13.22 -1.67 -16.48
C ASP A 105 -12.57 -0.41 -15.95
N GLU A 106 -12.88 -0.11 -14.69
CA GLU A 106 -12.37 1.09 -14.03
C GLU A 106 -10.84 1.09 -13.98
N ARG A 107 -10.25 -0.07 -13.73
CA ARG A 107 -8.80 -0.13 -13.67
C ARG A 107 -8.17 0.15 -15.04
N ARG A 108 -8.73 -0.39 -16.12
CA ARG A 108 -8.19 -0.09 -17.44
C ARG A 108 -8.32 1.39 -17.79
N ILE A 109 -9.42 2.03 -17.37
CA ILE A 109 -9.63 3.45 -17.66
C ILE A 109 -8.58 4.31 -16.97
N CYS A 110 -8.39 4.10 -15.66
CA CYS A 110 -7.41 4.90 -14.92
C CYS A 110 -5.99 4.69 -15.44
N ASN A 111 -5.65 3.47 -15.86
CA ASN A 111 -4.34 3.21 -16.42
C ASN A 111 -4.18 3.77 -17.83
N ALA A 112 -5.25 4.21 -18.48
CA ALA A 112 -5.15 4.81 -19.81
C ALA A 112 -4.87 6.31 -19.78
N VAL A 113 -5.20 6.99 -18.68
CA VAL A 113 -4.80 8.38 -18.51
C VAL A 113 -3.28 8.46 -18.46
N SER A 114 -2.71 9.37 -19.23
CA SER A 114 -1.28 9.60 -19.17
C SER A 114 -0.83 9.84 -17.73
N PRO A 115 0.21 9.16 -17.25
CA PRO A 115 0.68 9.38 -15.88
C PRO A 115 1.04 10.82 -15.57
N ASP A 116 1.52 11.58 -16.56
CA ASP A 116 1.82 12.99 -16.36
C ASP A 116 0.56 13.86 -16.20
N LYS A 117 -0.58 13.43 -16.72
CA LYS A 117 -1.83 14.18 -16.59
C LYS A 117 -2.73 13.64 -15.49
N ASP A 118 -2.28 12.62 -14.77
CA ASP A 118 -3.12 11.84 -13.87
C ASP A 118 -3.25 12.55 -12.52
N VAL A 119 -4.00 13.65 -12.54
CA VAL A 119 -4.07 14.51 -11.36
C VAL A 119 -4.79 13.84 -10.19
N ASP A 120 -5.52 12.75 -10.42
CA ASP A 120 -6.06 11.97 -9.30
C ASP A 120 -5.06 11.00 -8.68
N GLY A 121 -3.96 10.71 -9.36
CA GLY A 121 -3.01 9.74 -8.82
C GLY A 121 -3.52 8.31 -8.85
N PHE A 122 -4.39 7.98 -9.81
CA PHE A 122 -4.98 6.65 -9.85
C PHE A 122 -4.27 5.70 -10.83
N HIS A 123 -3.37 6.22 -11.67
CA HIS A 123 -2.62 5.36 -12.59
C HIS A 123 -1.70 4.45 -11.77
N VAL A 124 -1.59 3.19 -12.19
CA VAL A 124 -0.89 2.15 -11.43
C VAL A 124 0.56 2.56 -11.14
N ILE A 125 1.21 3.26 -12.07
CA ILE A 125 2.57 3.68 -11.75
C ILE A 125 2.56 4.80 -10.71
N ASN A 126 1.57 5.69 -10.74
CA ASN A 126 1.51 6.74 -9.71
C ASN A 126 1.18 6.16 -8.34
N VAL A 127 0.36 5.11 -8.29
CA VAL A 127 0.12 4.39 -7.04
C VAL A 127 1.41 3.74 -6.55
N GLY A 128 2.13 3.05 -7.45
CA GLY A 128 3.41 2.49 -7.07
C GLY A 128 4.37 3.55 -6.57
N ARG A 129 4.44 4.69 -7.26
CA ARG A 129 5.33 5.76 -6.84
C ARG A 129 4.97 6.27 -5.46
N MET A 130 3.67 6.35 -5.16
CA MET A 130 3.27 6.83 -3.84
C MET A 130 3.71 5.88 -2.73
N CYS A 131 3.56 4.56 -2.95
CA CYS A 131 4.01 3.58 -1.96
C CYS A 131 5.51 3.67 -1.71
N LEU A 132 6.29 3.94 -2.76
CA LEU A 132 7.74 3.96 -2.67
C LEU A 132 8.30 5.34 -2.36
N ASP A 133 7.43 6.32 -2.06
CA ASP A 133 7.86 7.71 -1.84
C ASP A 133 8.68 8.24 -3.02
N GLN A 134 8.25 7.89 -4.22
CA GLN A 134 8.92 8.28 -5.44
C GLN A 134 8.00 9.20 -6.26
N TYR A 135 7.08 9.88 -5.59
CA TYR A 135 5.96 10.49 -6.28
C TYR A 135 6.16 11.99 -6.47
N SER A 136 5.31 12.55 -7.32
CA SER A 136 5.10 13.99 -7.35
C SER A 136 3.63 14.37 -7.24
N MET A 137 2.70 13.41 -7.34
CA MET A 137 1.28 13.70 -7.30
C MET A 137 0.58 12.69 -6.40
N LEU A 138 -0.02 13.18 -5.34
CA LEU A 138 -0.74 12.40 -4.35
C LEU A 138 -2.23 12.42 -4.63
N PRO A 139 -2.92 11.32 -4.37
CA PRO A 139 -4.38 11.33 -4.49
C PRO A 139 -4.97 12.38 -3.57
N ALA A 140 -6.03 13.03 -4.04
CA ALA A 140 -6.48 14.29 -3.46
C ALA A 140 -7.02 14.11 -2.05
N THR A 141 -7.85 13.09 -1.83
CA THR A 141 -8.43 12.92 -0.50
C THR A 141 -7.38 12.58 0.55
N PRO A 142 -6.50 11.58 0.37
CA PRO A 142 -5.44 11.37 1.39
C PRO A 142 -4.53 12.55 1.60
N TRP A 143 -4.16 13.25 0.52
CA TRP A 143 -3.34 14.44 0.68
C TRP A 143 -4.10 15.53 1.44
N GLY A 144 -5.41 15.65 1.20
CA GLY A 144 -6.22 16.59 1.94
C GLY A 144 -6.31 16.26 3.42
N VAL A 145 -6.47 14.98 3.76
CA VAL A 145 -6.44 14.59 5.17
C VAL A 145 -5.10 14.95 5.79
N TRP A 146 -4.01 14.68 5.07
CA TRP A 146 -2.68 15.05 5.57
C TRP A 146 -2.55 16.56 5.79
N GLU A 147 -3.04 17.36 4.83
CA GLU A 147 -2.90 18.81 4.98
C GLU A 147 -3.68 19.31 6.19
N ILE A 148 -4.86 18.75 6.44
CA ILE A 148 -5.62 19.13 7.63
C ILE A 148 -4.78 18.91 8.88
N ILE A 149 -4.23 17.70 9.02
CA ILE A 149 -3.40 17.38 10.19
C ILE A 149 -2.21 18.32 10.28
N LYS A 150 -1.52 18.52 9.16
CA LYS A 150 -0.27 19.28 9.19
C LYS A 150 -0.52 20.76 9.44
N ARG A 151 -1.46 21.37 8.72
CA ARG A 151 -1.67 22.81 8.84
C ARG A 151 -2.30 23.17 10.18
N THR A 152 -3.02 22.24 10.80
CA THR A 152 -3.53 22.46 12.15
C THR A 152 -2.42 22.31 13.19
N GLY A 153 -1.44 21.48 12.91
CA GLY A 153 -0.35 21.23 13.85
C GLY A 153 -0.54 20.03 14.75
N ILE A 154 -1.41 19.10 14.38
CA ILE A 154 -1.66 17.91 15.20
C ILE A 154 -0.46 16.98 15.12
N PRO A 155 0.11 16.56 16.24
CA PRO A 155 1.32 15.72 16.19
C PRO A 155 1.03 14.33 15.68
N THR A 156 1.99 13.76 14.96
CA THR A 156 1.83 12.41 14.44
C THR A 156 2.99 11.50 14.81
N LEU A 157 4.18 12.08 14.98
CA LEU A 157 5.41 11.29 15.09
C LEU A 157 5.36 10.38 16.31
N GLY A 158 5.22 9.08 16.08
CA GLY A 158 5.08 8.13 17.16
C GLY A 158 3.72 8.09 17.82
N LYS A 159 2.69 8.68 17.20
CA LYS A 159 1.34 8.62 17.72
C LYS A 159 0.60 7.41 17.16
N ASN A 160 -0.61 7.16 17.67
CA ASN A 160 -1.45 6.06 17.21
C ASN A 160 -2.56 6.61 16.32
N VAL A 161 -2.61 6.14 15.07
CA VAL A 161 -3.62 6.57 14.11
C VAL A 161 -4.49 5.36 13.77
N VAL A 162 -5.80 5.56 13.77
CA VAL A 162 -6.74 4.54 13.33
C VAL A 162 -7.51 5.08 12.14
N VAL A 163 -7.56 4.30 11.07
CA VAL A 163 -8.33 4.60 9.88
C VAL A 163 -9.37 3.50 9.72
N ALA A 164 -10.63 3.89 9.66
CA ALA A 164 -11.70 2.94 9.40
C ALA A 164 -12.11 3.08 7.93
N GLY A 165 -11.92 2.03 7.15
CA GLY A 165 -12.06 2.10 5.70
C GLY A 165 -13.28 1.32 5.21
N ARG A 166 -14.02 1.97 4.31
CA ARG A 166 -15.07 1.27 3.56
C ARG A 166 -14.48 0.28 2.57
N SER A 167 -13.32 0.60 2.00
CA SER A 167 -12.65 -0.23 1.02
C SER A 167 -11.16 0.01 1.13
N LYS A 168 -10.38 -0.90 0.53
CA LYS A 168 -8.94 -0.72 0.55
C LYS A 168 -8.53 0.55 -0.20
N ASN A 169 -9.25 0.89 -1.28
CA ASN A 169 -8.93 2.08 -2.06
C ASN A 169 -9.03 3.35 -1.23
N VAL A 170 -9.81 3.33 -0.15
CA VAL A 170 -10.08 4.53 0.63
C VAL A 170 -9.17 4.62 1.85
N GLY A 171 -9.09 3.57 2.66
CA GLY A 171 -8.34 3.65 3.89
C GLY A 171 -6.84 3.50 3.71
N MET A 172 -6.43 2.62 2.80
CA MET A 172 -5.01 2.31 2.65
C MET A 172 -4.18 3.51 2.19
N PRO A 173 -4.55 4.27 1.15
CA PRO A 173 -3.73 5.44 0.79
C PRO A 173 -3.60 6.43 1.94
N ILE A 174 -4.66 6.62 2.73
CA ILE A 174 -4.57 7.51 3.89
C ILE A 174 -3.53 6.99 4.89
N ALA A 175 -3.61 5.69 5.23
CA ALA A 175 -2.66 5.10 6.17
C ALA A 175 -1.24 5.08 5.61
N MET A 176 -1.11 4.79 4.33
CA MET A 176 0.19 4.83 3.65
C MET A 176 0.88 6.16 3.90
N LEU A 177 0.17 7.27 3.69
CA LEU A 177 0.79 8.57 3.92
C LEU A 177 1.10 8.80 5.39
N LEU A 178 0.25 8.30 6.27
CA LEU A 178 0.43 8.58 7.69
C LEU A 178 1.49 7.66 8.31
N HIS A 179 1.67 6.46 7.77
CA HIS A 179 2.68 5.56 8.29
C HIS A 179 4.07 5.87 7.78
N THR A 180 4.20 6.60 6.68
CA THR A 180 5.47 6.68 5.98
C THR A 180 6.49 7.51 6.75
N ASP A 181 7.74 7.07 6.71
CA ASP A 181 8.90 7.85 7.12
C ASP A 181 8.77 9.30 6.68
N GLY A 182 8.95 10.21 7.63
CA GLY A 182 8.82 11.65 7.36
C GLY A 182 9.96 12.25 6.56
N PRO A 187 5.58 14.63 1.94
CA PRO A 187 4.94 14.29 3.21
C PRO A 187 5.66 13.25 4.07
N GLY A 188 4.90 12.29 4.60
CA GLY A 188 5.27 11.35 5.63
C GLY A 188 4.57 11.65 6.95
N GLY A 189 4.38 10.59 7.76
CA GLY A 189 3.75 10.79 9.06
C GLY A 189 4.33 10.06 10.26
N ASP A 190 5.15 9.03 10.04
CA ASP A 190 5.92 8.36 11.10
C ASP A 190 5.05 7.93 12.28
N ALA A 191 3.87 7.38 11.98
CA ALA A 191 2.93 7.00 13.03
C ALA A 191 2.60 5.52 12.94
N THR A 192 2.34 4.92 14.09
CA THR A 192 1.70 3.62 14.12
C THR A 192 0.29 3.77 13.58
N VAL A 193 -0.09 2.91 12.64
CA VAL A 193 -1.36 3.06 11.94
C VAL A 193 -2.12 1.75 12.01
N THR A 194 -3.41 1.83 12.32
CA THR A 194 -4.35 0.74 12.16
C THR A 194 -5.27 1.07 10.99
N ILE A 195 -5.54 0.08 10.14
CA ILE A 195 -6.54 0.24 9.09
C ILE A 195 -7.60 -0.81 9.36
N SER A 196 -8.77 -0.36 9.80
CA SER A 196 -9.85 -1.26 10.20
C SER A 196 -10.66 -1.68 9.00
N HIS A 197 -10.95 -2.97 8.93
CA HIS A 197 -11.78 -3.50 7.88
C HIS A 197 -13.25 -3.44 8.29
N ARG A 198 -14.12 -3.24 7.31
CA ARG A 198 -15.55 -3.12 7.59
C ARG A 198 -16.13 -4.41 8.19
N TYR A 199 -15.47 -5.56 8.03
CA TYR A 199 -15.93 -6.78 8.67
C TYR A 199 -15.49 -6.89 10.12
N THR A 200 -14.72 -5.94 10.64
CA THR A 200 -14.42 -5.92 12.06
C THR A 200 -15.58 -5.29 12.81
N PRO A 201 -16.20 -5.99 13.76
CA PRO A 201 -17.38 -5.42 14.46
C PRO A 201 -17.01 -4.18 15.25
N LYS A 202 -18.02 -3.31 15.43
CA LYS A 202 -17.81 -2.03 16.11
C LYS A 202 -17.16 -2.20 17.47
N GLU A 203 -17.47 -3.29 18.18
CA GLU A 203 -16.89 -3.52 19.50
C GLU A 203 -15.38 -3.72 19.42
N GLN A 204 -14.90 -4.42 18.39
CA GLN A 204 -13.46 -4.61 18.26
C GLN A 204 -12.77 -3.33 17.79
N LEU A 205 -13.39 -2.61 16.85
CA LEU A 205 -12.85 -1.32 16.43
C LEU A 205 -12.67 -0.38 17.61
N LYS A 206 -13.64 -0.42 18.55
CA LYS A 206 -13.59 0.46 19.72
C LYS A 206 -12.31 0.26 20.52
N LYS A 207 -11.85 -0.99 20.65
CA LYS A 207 -10.63 -1.24 21.39
C LYS A 207 -9.42 -0.65 20.66
N HIS A 208 -9.50 -0.49 19.35
CA HIS A 208 -8.44 0.21 18.63
C HIS A 208 -8.62 1.72 18.74
N THR A 209 -9.84 2.23 18.54
CA THR A 209 -10.05 3.68 18.55
C THR A 209 -9.70 4.29 19.90
N ILE A 210 -10.08 3.65 21.00
CA ILE A 210 -9.81 4.20 22.33
C ILE A 210 -8.34 4.45 22.57
N LEU A 211 -7.45 3.77 21.85
CA LEU A 211 -6.03 4.01 22.00
C LEU A 211 -5.51 5.12 21.09
N ALA A 212 -6.30 5.56 20.12
CA ALA A 212 -5.80 6.39 19.03
C ALA A 212 -5.63 7.85 19.44
N ASP A 213 -4.51 8.45 19.02
CA ASP A 213 -4.39 9.90 19.04
C ASP A 213 -5.16 10.55 17.90
N ILE A 214 -5.28 9.86 16.76
CA ILE A 214 -5.95 10.39 15.58
C ILE A 214 -6.88 9.31 15.06
N VAL A 215 -8.16 9.63 14.92
CA VAL A 215 -9.15 8.72 14.36
C VAL A 215 -9.62 9.32 13.03
N ILE A 216 -9.56 8.52 11.97
CA ILE A 216 -9.91 8.97 10.63
C ILE A 216 -10.96 8.00 10.13
N SER A 217 -12.20 8.45 10.04
CA SER A 217 -13.29 7.57 9.71
C SER A 217 -13.68 7.76 8.26
N ALA A 218 -13.57 6.70 7.47
CA ALA A 218 -13.92 6.69 6.06
C ALA A 218 -14.73 5.45 5.74
N ALA A 219 -15.74 5.17 6.56
CA ALA A 219 -16.48 3.92 6.46
C ALA A 219 -17.83 4.06 5.79
N GLY A 220 -18.35 5.28 5.63
CA GLY A 220 -19.70 5.45 5.11
C GLY A 220 -20.77 4.82 5.98
N ILE A 221 -20.64 4.93 7.29
CA ILE A 221 -21.61 4.39 8.24
C ILE A 221 -21.97 5.50 9.22
N PRO A 222 -23.21 5.98 9.24
CA PRO A 222 -23.57 7.05 10.19
C PRO A 222 -23.36 6.61 11.64
N ASN A 223 -22.84 7.53 12.44
CA ASN A 223 -22.70 7.34 13.88
C ASN A 223 -21.77 6.19 14.24
N LEU A 224 -20.88 5.79 13.32
CA LEU A 224 -19.90 4.77 13.64
C LEU A 224 -18.95 5.21 14.76
N ILE A 225 -18.68 6.50 14.87
CA ILE A 225 -17.73 7.01 15.85
C ILE A 225 -18.50 7.82 16.88
N THR A 226 -18.52 7.34 18.13
CA THR A 226 -19.22 7.97 19.23
C THR A 226 -18.27 8.19 20.39
N ALA A 227 -18.67 9.07 21.31
CA ALA A 227 -17.73 9.62 22.29
C ALA A 227 -17.07 8.56 23.15
N ASP A 228 -17.74 7.42 23.40
CA ASP A 228 -17.14 6.36 24.19
C ASP A 228 -15.92 5.75 23.52
N MET A 229 -15.80 5.90 22.20
CA MET A 229 -14.74 5.26 21.45
C MET A 229 -13.48 6.09 21.34
N ILE A 230 -13.43 7.26 21.97
CA ILE A 230 -12.36 8.22 21.73
C ILE A 230 -11.73 8.64 23.05
N LYS A 231 -10.41 8.51 23.15
CA LYS A 231 -9.70 9.03 24.30
C LYS A 231 -9.73 10.54 24.26
N GLU A 232 -9.43 11.14 25.40
CA GLU A 232 -9.89 12.49 25.64
C GLU A 232 -9.02 13.40 24.78
N GLY A 233 -9.61 14.30 24.02
CA GLY A 233 -8.76 15.18 23.25
C GLY A 233 -8.05 14.57 22.05
N ALA A 234 -8.53 13.45 21.53
CA ALA A 234 -8.00 12.95 20.27
C ALA A 234 -8.52 13.79 19.10
N ALA A 235 -7.82 13.69 17.97
CA ALA A 235 -8.26 14.34 16.74
C ALA A 235 -9.14 13.38 15.96
N VAL A 236 -10.32 13.84 15.56
CA VAL A 236 -11.29 13.02 14.84
C VAL A 236 -11.56 13.67 13.48
N ILE A 237 -11.21 12.96 12.40
CA ILE A 237 -11.32 13.45 11.03
C ILE A 237 -12.40 12.64 10.33
N ASP A 238 -13.48 13.30 9.94
CA ASP A 238 -14.63 12.61 9.36
C ASP A 238 -14.57 12.67 7.84
N VAL A 239 -14.29 11.53 7.19
CA VAL A 239 -14.26 11.43 5.73
C VAL A 239 -15.55 10.80 5.19
N GLY A 240 -16.35 10.17 6.05
CA GLY A 240 -17.57 9.55 5.58
C GLY A 240 -18.50 10.53 4.89
N ILE A 241 -19.16 10.04 3.86
CA ILE A 241 -20.14 10.82 3.10
C ILE A 241 -21.41 9.96 3.14
N ASN A 242 -22.48 10.48 3.75
CA ASN A 242 -23.63 9.62 4.07
C ASN A 242 -24.93 10.34 3.80
N ARG A 243 -25.87 9.64 3.16
CA ARG A 243 -27.15 10.21 2.75
C ARG A 243 -28.34 9.39 3.26
N PRO A 252 -33.61 13.79 4.61
CA PRO A 252 -33.03 14.01 3.28
C PRO A 252 -31.73 14.87 3.34
N LYS A 253 -30.79 14.50 4.21
CA LYS A 253 -29.65 15.33 4.57
C LYS A 253 -28.33 14.63 4.25
N LEU A 254 -27.22 15.28 4.62
CA LEU A 254 -25.88 14.73 4.43
C LEU A 254 -25.14 14.72 5.76
N VAL A 255 -24.64 13.55 6.14
CA VAL A 255 -23.98 13.34 7.43
C VAL A 255 -22.69 12.56 7.21
N GLY A 256 -21.75 12.71 8.13
CA GLY A 256 -20.52 11.94 8.14
C GLY A 256 -20.65 10.65 8.95
N ASP A 257 -19.49 10.09 9.28
CA ASP A 257 -19.45 8.88 10.10
C ASP A 257 -19.51 9.16 11.58
N VAL A 258 -19.26 10.40 11.98
CA VAL A 258 -19.04 10.76 13.37
C VAL A 258 -20.32 11.30 13.98
N ASP A 259 -20.56 10.95 15.25
CA ASP A 259 -21.59 11.62 16.05
C ASP A 259 -21.03 12.98 16.44
N PHE A 260 -21.28 13.99 15.60
CA PHE A 260 -20.61 15.28 15.74
C PHE A 260 -20.89 15.91 17.10
N GLU A 261 -22.17 15.95 17.50
CA GLU A 261 -22.51 16.54 18.78
C GLU A 261 -21.92 15.73 19.93
N GLY A 262 -22.00 14.40 19.83
CA GLY A 262 -21.43 13.53 20.84
C GLY A 262 -19.95 13.77 21.06
N VAL A 263 -19.12 13.47 20.06
CA VAL A 263 -17.67 13.47 20.29
C VAL A 263 -17.06 14.87 20.32
N ARG A 264 -17.84 15.89 19.94
CA ARG A 264 -17.40 17.27 20.15
C ARG A 264 -17.10 17.54 21.62
N GLN A 265 -17.75 16.77 22.52
CA GLN A 265 -17.54 16.91 23.95
C GLN A 265 -16.23 16.31 24.42
N LYS A 266 -15.64 15.39 23.67
CA LYS A 266 -14.47 14.64 24.11
C LYS A 266 -13.23 14.85 23.27
N ALA A 267 -13.40 15.04 21.96
CA ALA A 267 -12.25 15.17 21.07
C ALA A 267 -11.49 16.47 21.34
N GLY A 268 -10.24 16.50 20.90
CA GLY A 268 -9.47 17.72 20.95
C GLY A 268 -9.64 18.51 19.67
N TYR A 269 -9.89 17.81 18.57
CA TYR A 269 -10.16 18.41 17.27
C TYR A 269 -11.21 17.57 16.57
N ILE A 270 -12.02 18.23 15.73
CA ILE A 270 -13.03 17.51 14.96
C ILE A 270 -13.25 18.26 13.65
N THR A 271 -13.58 17.52 12.59
CA THR A 271 -13.95 18.13 11.33
C THR A 271 -15.42 17.86 11.05
N PRO A 272 -16.15 18.85 10.56
CA PRO A 272 -17.57 18.66 10.28
C PRO A 272 -17.77 18.03 8.91
N VAL A 273 -18.97 17.53 8.69
CA VAL A 273 -19.44 17.13 7.37
C VAL A 273 -20.82 17.72 7.17
N PRO A 274 -21.07 18.48 6.09
CA PRO A 274 -20.10 18.94 5.09
C PRO A 274 -19.15 19.99 5.62
N GLY A 275 -18.30 20.53 4.76
CA GLY A 275 -17.40 21.60 5.17
C GLY A 275 -16.11 21.13 5.81
N GLY A 276 -15.77 19.85 5.71
CA GLY A 276 -14.52 19.34 6.26
C GLY A 276 -13.54 18.82 5.22
N VAL A 277 -13.48 17.48 5.09
CA VAL A 277 -12.54 16.83 4.18
C VAL A 277 -12.92 17.06 2.72
N GLY A 278 -14.21 17.09 2.43
CA GLY A 278 -14.68 17.33 1.07
C GLY A 278 -14.05 18.52 0.36
N PRO A 279 -14.10 19.72 0.96
CA PRO A 279 -13.43 20.88 0.32
C PRO A 279 -11.91 20.71 0.22
N MET A 280 -11.29 19.96 1.14
CA MET A 280 -9.84 19.78 1.03
C MET A 280 -9.48 18.89 -0.15
N THR A 281 -10.30 17.86 -0.42
CA THR A 281 -10.08 17.03 -1.60
C THR A 281 -10.04 17.90 -2.86
N VAL A 282 -11.02 18.78 -3.00
CA VAL A 282 -11.08 19.65 -4.17
C VAL A 282 -9.86 20.57 -4.22
N ALA A 283 -9.44 21.11 -3.07
CA ALA A 283 -8.30 22.02 -3.07
C ALA A 283 -6.99 21.31 -3.45
N MET A 284 -6.81 20.06 -3.00
CA MET A 284 -5.59 19.34 -3.33
C MET A 284 -5.56 18.95 -4.81
N LEU A 285 -6.73 18.70 -5.40
CA LEU A 285 -6.79 18.48 -6.84
C LEU A 285 -6.28 19.70 -7.61
N MET A 286 -6.65 20.91 -7.18
CA MET A 286 -6.09 22.09 -7.83
C MET A 286 -4.57 22.14 -7.69
N LYS A 287 -4.04 21.79 -6.51
CA LYS A 287 -2.58 21.69 -6.35
C LYS A 287 -1.98 20.73 -7.38
N ASN A 288 -2.55 19.52 -7.49
CA ASN A 288 -2.04 18.54 -8.44
C ASN A 288 -2.08 19.06 -9.87
N THR A 289 -3.10 19.86 -10.21
CA THR A 289 -3.23 20.33 -11.59
C THR A 289 -2.14 21.36 -11.95
N ILE A 290 -1.80 22.28 -11.03
CA ILE A 290 -0.69 23.19 -11.33
C ILE A 290 0.63 22.42 -11.35
N ILE A 291 0.79 21.42 -10.47
CA ILE A 291 1.96 20.54 -10.55
C ILE A 291 2.05 19.89 -11.92
N ALA A 292 0.93 19.37 -12.43
CA ALA A 292 0.95 18.68 -13.71
C ALA A 292 1.29 19.64 -14.85
N ALA A 293 0.76 20.86 -14.78
CA ALA A 293 0.98 21.82 -15.84
C ALA A 293 2.45 22.25 -15.94
N LYS A 294 3.19 22.19 -14.83
CA LYS A 294 4.59 22.61 -14.82
C LYS A 294 5.57 21.50 -15.21
N LYS A 295 5.13 20.25 -15.30
CA LYS A 295 6.04 19.16 -15.57
C LYS A 295 6.40 19.07 -17.05
N GLU B 1 -0.23 -25.94 25.02
CA GLU B 1 0.99 -25.64 24.27
C GLU B 1 0.68 -25.28 22.81
N ALA B 2 1.43 -24.34 22.24
CA ALA B 2 1.19 -23.91 20.87
C ALA B 2 1.53 -25.01 19.87
N VAL B 3 0.72 -25.13 18.82
CA VAL B 3 1.16 -25.82 17.62
C VAL B 3 2.37 -25.09 17.05
N VAL B 4 3.38 -25.84 16.64
CA VAL B 4 4.55 -25.27 15.98
C VAL B 4 4.42 -25.54 14.50
N ILE B 5 4.22 -24.48 13.72
CA ILE B 5 4.04 -24.61 12.28
C ILE B 5 5.40 -24.81 11.65
N SER B 6 5.55 -25.85 10.84
CA SER B 6 6.82 -26.13 10.19
C SER B 6 6.84 -25.43 8.84
N GLY B 7 7.60 -24.34 8.74
CA GLY B 7 7.78 -23.71 7.44
C GLY B 7 8.38 -24.66 6.42
N ARG B 8 9.34 -25.48 6.85
CA ARG B 8 9.96 -26.45 5.96
C ARG B 8 8.94 -27.38 5.34
N LYS B 9 7.97 -27.83 6.15
CA LYS B 9 6.98 -28.79 5.67
C LYS B 9 6.01 -28.14 4.69
N LEU B 10 5.52 -26.94 4.99
CA LEU B 10 4.62 -26.27 4.05
C LEU B 10 5.34 -25.92 2.75
N ALA B 11 6.59 -25.43 2.87
CA ALA B 11 7.38 -25.10 1.68
C ALA B 11 7.56 -26.32 0.80
N GLN B 12 7.74 -27.49 1.44
CA GLN B 12 7.87 -28.73 0.69
C GLN B 12 6.62 -29.03 -0.14
N GLN B 13 5.44 -28.85 0.46
CA GLN B 13 4.20 -29.01 -0.33
C GLN B 13 4.14 -28.01 -1.46
N ILE B 14 4.49 -26.75 -1.19
CA ILE B 14 4.44 -25.75 -2.24
C ILE B 14 5.43 -26.07 -3.34
N LYS B 15 6.64 -26.51 -2.97
CA LYS B 15 7.61 -26.89 -3.99
C LYS B 15 7.16 -28.11 -4.78
N GLN B 16 6.48 -29.07 -4.14
CA GLN B 16 5.95 -30.21 -4.89
C GLN B 16 4.92 -29.75 -5.93
N GLU B 17 4.05 -28.79 -5.56
CA GLU B 17 3.09 -28.27 -6.51
C GLU B 17 3.76 -27.55 -7.68
N VAL B 18 4.84 -26.81 -7.41
CA VAL B 18 5.52 -26.11 -8.51
C VAL B 18 6.17 -27.11 -9.46
N ARG B 19 6.87 -28.09 -8.90
CA ARG B 19 7.45 -29.13 -9.76
C ARG B 19 6.43 -29.75 -10.68
N GLN B 20 5.27 -30.13 -10.14
CA GLN B 20 4.25 -30.72 -11.02
C GLN B 20 3.81 -29.71 -12.07
N GLU B 21 3.63 -28.45 -11.66
CA GLU B 21 3.25 -27.42 -12.62
C GLU B 21 4.33 -27.22 -13.68
N VAL B 22 5.61 -27.29 -13.30
CA VAL B 22 6.69 -27.13 -14.26
C VAL B 22 6.76 -28.31 -15.22
N GLU B 23 6.66 -29.54 -14.69
CA GLU B 23 6.82 -30.69 -15.57
C GLU B 23 5.67 -30.78 -16.58
N GLU B 24 4.45 -30.47 -16.14
CA GLU B 24 3.33 -30.44 -17.09
C GLU B 24 3.58 -29.40 -18.19
N TRP B 25 4.04 -28.22 -17.79
CA TRP B 25 4.33 -27.14 -18.73
C TRP B 25 5.39 -27.56 -19.74
N VAL B 26 6.46 -28.21 -19.25
CA VAL B 26 7.49 -28.73 -20.14
C VAL B 26 6.94 -29.90 -20.96
N ALA B 27 6.08 -30.73 -20.34
CA ALA B 27 5.51 -31.87 -21.06
C ALA B 27 4.77 -31.41 -22.32
N SER B 28 4.10 -30.27 -22.25
CA SER B 28 3.37 -29.70 -23.38
C SER B 28 4.27 -29.10 -24.45
N GLY B 29 5.58 -29.23 -24.34
CA GLY B 29 6.47 -28.73 -25.37
C GLY B 29 7.02 -27.35 -25.15
N ASN B 30 6.88 -26.79 -23.95
CA ASN B 30 7.35 -25.43 -23.70
C ASN B 30 8.80 -25.43 -23.24
N LYS B 31 9.42 -24.25 -23.31
CA LYS B 31 10.77 -24.07 -22.78
C LYS B 31 10.77 -24.31 -21.27
N ARG B 32 11.83 -24.95 -20.77
CA ARG B 32 11.99 -25.05 -19.33
C ARG B 32 12.18 -23.67 -18.72
N PRO B 33 11.51 -23.34 -17.62
CA PRO B 33 11.70 -22.03 -16.98
C PRO B 33 13.14 -21.82 -16.52
N HIS B 34 13.58 -20.57 -16.55
CA HIS B 34 14.93 -20.23 -16.13
C HIS B 34 14.89 -18.99 -15.25
N LEU B 35 15.56 -19.07 -14.10
CA LEU B 35 15.72 -17.95 -13.17
C LEU B 35 17.17 -17.49 -13.12
N SER B 36 17.40 -16.19 -13.33
CA SER B 36 18.72 -15.58 -13.17
C SER B 36 18.74 -14.75 -11.89
N VAL B 37 19.76 -14.93 -11.07
CA VAL B 37 19.93 -14.12 -9.86
C VAL B 37 21.24 -13.35 -9.97
N ILE B 38 21.18 -12.05 -9.74
CA ILE B 38 22.38 -11.21 -9.68
C ILE B 38 22.72 -10.99 -8.23
N LEU B 39 23.95 -11.31 -7.87
CA LEU B 39 24.44 -11.24 -6.52
C LEU B 39 25.70 -10.37 -6.54
N VAL B 40 25.68 -9.26 -5.82
CA VAL B 40 26.75 -8.28 -5.83
C VAL B 40 27.48 -8.35 -4.48
N GLY B 41 28.80 -8.54 -4.52
CA GLY B 41 29.58 -8.42 -3.29
C GLY B 41 29.56 -9.69 -2.44
N GLU B 42 29.92 -9.53 -1.17
CA GLU B 42 30.28 -10.69 -0.34
C GLU B 42 29.47 -10.78 0.94
N ASN B 43 28.23 -10.25 0.95
CA ASN B 43 27.38 -10.38 2.13
C ASN B 43 27.09 -11.86 2.39
N PRO B 44 27.59 -12.43 3.50
CA PRO B 44 27.41 -13.88 3.73
C PRO B 44 25.95 -14.33 3.84
N ALA B 45 25.08 -13.51 4.43
CA ALA B 45 23.66 -13.85 4.46
C ALA B 45 23.07 -13.85 3.06
N SER B 46 23.45 -12.87 2.24
CA SER B 46 22.92 -12.84 0.87
C SER B 46 23.32 -14.09 0.09
N HIS B 47 24.57 -14.52 0.22
CA HIS B 47 25.02 -15.71 -0.48
C HIS B 47 24.25 -16.94 -0.02
N SER B 48 24.07 -17.08 1.29
CA SER B 48 23.31 -18.19 1.85
C SER B 48 21.88 -18.22 1.29
N TYR B 49 21.23 -17.05 1.23
CA TYR B 49 19.85 -16.98 0.74
C TYR B 49 19.77 -17.30 -0.75
N VAL B 50 20.71 -16.78 -1.54
CA VAL B 50 20.70 -17.06 -2.98
C VAL B 50 20.95 -18.55 -3.25
N LEU B 51 21.81 -19.18 -2.44
CA LEU B 51 22.02 -20.62 -2.59
C LEU B 51 20.76 -21.41 -2.25
N ASN B 52 20.04 -21.01 -1.20
CA ASN B 52 18.75 -21.63 -0.92
C ASN B 52 17.81 -21.51 -2.11
N LYS B 53 17.77 -20.34 -2.75
CA LYS B 53 16.88 -20.10 -3.89
C LYS B 53 17.24 -20.96 -5.09
N THR B 54 18.53 -21.06 -5.42
CA THR B 54 18.90 -21.83 -6.60
C THR B 54 18.84 -23.33 -6.33
N ARG B 55 19.07 -23.76 -5.08
CA ARG B 55 18.83 -25.17 -4.74
C ARG B 55 17.36 -25.51 -4.91
N ALA B 56 16.46 -24.65 -4.43
CA ALA B 56 15.03 -24.94 -4.58
C ALA B 56 14.64 -24.94 -6.05
N ALA B 57 15.21 -24.04 -6.83
CA ALA B 57 14.93 -24.02 -8.27
C ALA B 57 15.26 -25.36 -8.92
N ALA B 58 16.45 -25.91 -8.61
CA ALA B 58 16.87 -27.14 -9.27
C ALA B 58 15.92 -28.30 -8.95
N VAL B 59 15.47 -28.39 -7.69
CA VAL B 59 14.69 -29.55 -7.30
C VAL B 59 13.25 -29.46 -7.80
N VAL B 60 12.78 -28.28 -8.22
CA VAL B 60 11.47 -28.15 -8.84
C VAL B 60 11.56 -28.13 -10.37
N GLY B 61 12.72 -28.42 -10.94
CA GLY B 61 12.83 -28.42 -12.39
C GLY B 61 12.99 -27.07 -13.06
N ILE B 62 13.37 -26.03 -12.32
CA ILE B 62 13.62 -24.71 -12.90
C ILE B 62 15.13 -24.51 -13.03
N ASN B 63 15.58 -24.27 -14.27
CA ASN B 63 16.98 -23.92 -14.53
C ASN B 63 17.34 -22.59 -13.87
N SER B 64 18.60 -22.46 -13.45
CA SER B 64 19.00 -21.23 -12.80
C SER B 64 20.47 -20.94 -13.08
N GLU B 65 20.83 -19.66 -12.91
CA GLU B 65 22.21 -19.21 -12.91
C GLU B 65 22.31 -18.06 -11.92
N THR B 66 23.37 -18.05 -11.13
CA THR B 66 23.69 -16.91 -10.31
C THR B 66 24.87 -16.22 -10.95
N ILE B 67 24.71 -14.93 -11.25
CA ILE B 67 25.75 -14.06 -11.79
C ILE B 67 26.31 -13.25 -10.63
N MET B 68 27.51 -13.59 -10.19
CA MET B 68 28.17 -12.91 -9.08
C MET B 68 29.10 -11.82 -9.62
N LYS B 69 28.99 -10.62 -9.05
CA LYS B 69 29.76 -9.44 -9.40
C LYS B 69 30.41 -8.90 -8.14
N PRO B 70 31.57 -8.25 -8.26
CA PRO B 70 32.21 -7.65 -7.09
C PRO B 70 31.50 -6.36 -6.68
N ALA B 71 31.63 -6.03 -5.39
CA ALA B 71 30.97 -4.85 -4.83
C ALA B 71 31.41 -3.56 -5.49
N SER B 72 32.60 -3.53 -6.08
CA SER B 72 33.14 -2.32 -6.72
C SER B 72 32.59 -2.11 -8.11
N ILE B 73 31.59 -2.90 -8.49
CA ILE B 73 30.90 -2.69 -9.76
C ILE B 73 30.22 -1.32 -9.76
N SER B 74 30.24 -0.66 -10.91
CA SER B 74 29.54 0.60 -11.05
C SER B 74 28.07 0.33 -11.32
N GLU B 75 27.27 1.36 -11.06
CA GLU B 75 25.84 1.30 -11.33
C GLU B 75 25.58 1.12 -12.83
N GLU B 76 26.43 1.68 -13.68
CA GLU B 76 26.20 1.54 -15.11
C GLU B 76 26.42 0.10 -15.57
N GLU B 77 27.48 -0.56 -15.07
CA GLU B 77 27.66 -1.96 -15.48
C GLU B 77 26.54 -2.84 -14.94
N LEU B 78 26.07 -2.58 -13.71
CA LEU B 78 24.94 -3.36 -13.20
C LEU B 78 23.69 -3.14 -14.07
N LEU B 79 23.42 -1.90 -14.47
CA LEU B 79 22.30 -1.63 -15.38
C LEU B 79 22.49 -2.33 -16.71
N ASN B 80 23.72 -2.33 -17.24
CA ASN B 80 23.98 -2.99 -18.52
C ASN B 80 23.74 -4.49 -18.42
N LEU B 81 24.17 -5.11 -17.32
CA LEU B 81 23.90 -6.54 -17.14
C LEU B 81 22.41 -6.81 -17.07
N ILE B 82 21.67 -5.95 -16.34
CA ILE B 82 20.23 -6.13 -16.22
C ILE B 82 19.56 -5.99 -17.58
N ASN B 83 20.01 -5.00 -18.37
CA ASN B 83 19.43 -4.83 -19.69
C ASN B 83 19.71 -6.03 -20.59
N LYS B 84 20.93 -6.58 -20.51
CA LYS B 84 21.23 -7.81 -21.25
C LYS B 84 20.26 -8.93 -20.88
N LEU B 85 20.02 -9.13 -19.58
CA LEU B 85 19.18 -10.26 -19.17
C LEU B 85 17.69 -10.01 -19.47
N ASN B 86 17.27 -8.75 -19.45
CA ASN B 86 15.90 -8.40 -19.87
C ASN B 86 15.63 -8.85 -21.31
N ASN B 87 16.64 -8.76 -22.17
CA ASN B 87 16.50 -9.07 -23.58
C ASN B 87 16.89 -10.50 -23.92
N ASP B 88 17.30 -11.29 -22.93
CA ASP B 88 17.63 -12.69 -23.17
C ASP B 88 16.35 -13.52 -23.09
N ASP B 89 15.90 -14.03 -24.25
CA ASP B 89 14.65 -14.77 -24.31
C ASP B 89 14.68 -16.07 -23.50
N ASN B 90 15.87 -16.56 -23.13
CA ASN B 90 15.89 -17.74 -22.27
C ASN B 90 15.58 -17.41 -20.82
N VAL B 91 15.65 -16.14 -20.43
CA VAL B 91 15.51 -15.75 -19.04
C VAL B 91 14.05 -15.38 -18.73
N ASP B 92 13.39 -16.17 -17.89
CA ASP B 92 12.02 -15.87 -17.52
C ASP B 92 11.95 -15.00 -16.28
N GLY B 93 12.81 -15.27 -15.31
CA GLY B 93 12.80 -14.56 -14.05
C GLY B 93 14.16 -13.92 -13.79
N LEU B 94 14.12 -12.70 -13.29
CA LEU B 94 15.34 -11.99 -12.98
C LEU B 94 15.16 -11.33 -11.62
N LEU B 95 16.05 -11.61 -10.68
CA LEU B 95 16.04 -10.83 -9.45
C LEU B 95 17.45 -10.42 -9.07
N VAL B 96 17.54 -9.24 -8.45
CA VAL B 96 18.77 -8.71 -7.90
C VAL B 96 18.71 -8.88 -6.39
N GLN B 97 19.66 -9.63 -5.83
CA GLN B 97 19.66 -9.82 -4.40
C GLN B 97 20.12 -8.52 -3.74
N LEU B 98 19.32 -8.04 -2.77
CA LEU B 98 19.59 -6.86 -1.98
C LEU B 98 20.13 -7.26 -0.61
N PRO B 99 20.88 -6.37 0.07
CA PRO B 99 21.22 -4.98 -0.28
C PRO B 99 22.39 -4.86 -1.26
N LEU B 100 22.42 -3.77 -1.97
CA LEU B 100 23.49 -3.39 -2.90
C LEU B 100 24.48 -2.44 -2.22
N PRO B 101 25.69 -2.28 -2.78
CA PRO B 101 26.65 -1.33 -2.19
C PRO B 101 26.10 0.09 -2.19
N GLU B 102 26.57 0.90 -1.22
CA GLU B 102 26.02 2.24 -0.99
C GLU B 102 26.08 3.14 -2.21
N HIS B 103 27.05 2.95 -3.10
CA HIS B 103 27.18 3.84 -4.25
C HIS B 103 26.18 3.51 -5.35
N ILE B 104 25.31 2.53 -5.14
CA ILE B 104 24.34 2.08 -6.13
C ILE B 104 22.95 2.38 -5.59
N ASP B 105 22.12 3.00 -6.40
CA ASP B 105 20.76 3.34 -5.97
C ASP B 105 19.84 2.15 -6.21
N GLU B 106 19.30 1.56 -5.13
CA GLU B 106 18.61 0.30 -5.35
C GLU B 106 17.26 0.51 -6.03
N ARG B 107 16.63 1.67 -5.84
CA ARG B 107 15.34 1.91 -6.49
C ARG B 107 15.49 2.01 -7.99
N ARG B 108 16.56 2.66 -8.45
CA ARG B 108 16.86 2.66 -9.87
C ARG B 108 17.10 1.24 -10.38
N ILE B 109 17.82 0.43 -9.61
CA ILE B 109 18.10 -0.95 -10.02
C ILE B 109 16.81 -1.76 -10.12
N CYS B 110 15.98 -1.71 -9.06
CA CYS B 110 14.74 -2.50 -9.08
C CYS B 110 13.82 -2.08 -10.22
N ASN B 111 13.77 -0.79 -10.54
CA ASN B 111 12.96 -0.32 -11.66
C ASN B 111 13.57 -0.63 -13.02
N ALA B 112 14.84 -1.04 -13.08
CA ALA B 112 15.46 -1.45 -14.34
C ALA B 112 15.12 -2.88 -14.75
N VAL B 113 14.73 -3.73 -13.81
CA VAL B 113 14.32 -5.10 -14.14
C VAL B 113 13.00 -5.05 -14.89
N SER B 114 12.91 -5.79 -16.00
CA SER B 114 11.66 -5.85 -16.74
C SER B 114 10.51 -6.28 -15.84
N PRO B 115 9.40 -5.53 -15.84
CA PRO B 115 8.25 -5.93 -14.99
C PRO B 115 7.75 -7.34 -15.27
N ASP B 116 7.83 -7.82 -16.52
CA ASP B 116 7.43 -9.19 -16.81
C ASP B 116 8.36 -10.23 -16.20
N LYS B 117 9.61 -9.87 -15.88
CA LYS B 117 10.57 -10.79 -15.30
C LYS B 117 10.81 -10.55 -13.82
N ASP B 118 10.08 -9.61 -13.21
CA ASP B 118 10.40 -9.10 -11.88
C ASP B 118 9.75 -10.03 -10.84
N VAL B 119 10.38 -11.20 -10.66
CA VAL B 119 9.80 -12.23 -9.78
C VAL B 119 9.85 -11.84 -8.32
N ASP B 120 10.60 -10.80 -7.96
CA ASP B 120 10.48 -10.26 -6.62
C ASP B 120 9.31 -9.29 -6.45
N GLY B 121 8.76 -8.74 -7.53
CA GLY B 121 7.71 -7.73 -7.38
C GLY B 121 8.17 -6.42 -6.80
N PHE B 122 9.43 -6.04 -6.99
CA PHE B 122 9.95 -4.79 -6.46
C PHE B 122 9.89 -3.61 -7.44
N HIS B 123 9.59 -3.86 -8.72
CA HIS B 123 9.46 -2.78 -9.69
C HIS B 123 8.24 -1.93 -9.37
N VAL B 124 8.35 -0.62 -9.61
CA VAL B 124 7.32 0.32 -9.19
C VAL B 124 5.96 -0.04 -9.80
N ILE B 125 5.94 -0.47 -11.06
CA ILE B 125 4.72 -1.00 -11.68
C ILE B 125 4.10 -2.12 -10.85
N ASN B 126 4.92 -3.10 -10.45
CA ASN B 126 4.39 -4.24 -9.73
C ASN B 126 4.02 -3.90 -8.28
N VAL B 127 4.68 -2.92 -7.67
CA VAL B 127 4.19 -2.39 -6.39
C VAL B 127 2.78 -1.85 -6.57
N GLY B 128 2.57 -1.08 -7.64
CA GLY B 128 1.24 -0.54 -7.91
C GLY B 128 0.21 -1.61 -8.18
N ARG B 129 0.58 -2.64 -8.97
CA ARG B 129 -0.38 -3.70 -9.27
C ARG B 129 -0.76 -4.46 -8.01
N MET B 130 0.21 -4.70 -7.12
CA MET B 130 -0.13 -5.36 -5.87
C MET B 130 -1.12 -4.52 -5.07
N CYS B 131 -0.92 -3.20 -5.01
CA CYS B 131 -1.87 -2.34 -4.31
C CYS B 131 -3.26 -2.41 -4.93
N LEU B 132 -3.33 -2.50 -6.25
CA LEU B 132 -4.60 -2.39 -6.96
C LEU B 132 -5.21 -3.75 -7.31
N ASP B 133 -4.64 -4.84 -6.79
CA ASP B 133 -5.10 -6.21 -7.10
C ASP B 133 -5.13 -6.48 -8.61
N GLN B 134 -4.11 -5.98 -9.30
CA GLN B 134 -3.86 -6.24 -10.71
C GLN B 134 -2.72 -7.23 -10.94
N TYR B 135 -2.20 -7.83 -9.88
CA TYR B 135 -0.89 -8.45 -10.01
C TYR B 135 -0.98 -9.83 -10.66
N SER B 136 0.15 -10.25 -11.21
CA SER B 136 0.44 -11.66 -11.48
C SER B 136 1.36 -12.29 -10.44
N MET B 137 2.26 -11.48 -9.85
CA MET B 137 3.33 -11.97 -8.99
C MET B 137 3.31 -11.19 -7.69
N LEU B 138 3.62 -11.85 -6.59
CA LEU B 138 3.62 -11.14 -5.33
C LEU B 138 5.00 -11.23 -4.69
N PRO B 139 5.40 -10.22 -3.92
CA PRO B 139 6.65 -10.32 -3.15
C PRO B 139 6.66 -11.62 -2.34
N ALA B 140 7.81 -12.29 -2.37
CA ALA B 140 7.87 -13.67 -1.87
C ALA B 140 7.62 -13.73 -0.37
N THR B 141 8.23 -12.83 0.40
CA THR B 141 8.05 -12.93 1.85
C THR B 141 6.62 -12.60 2.28
N PRO B 142 6.00 -11.50 1.84
CA PRO B 142 4.57 -11.30 2.13
C PRO B 142 3.69 -12.45 1.70
N TRP B 143 3.91 -12.97 0.49
CA TRP B 143 3.08 -14.08 0.03
C TRP B 143 3.34 -15.33 0.86
N GLY B 144 4.59 -15.54 1.30
CA GLY B 144 4.89 -16.68 2.16
C GLY B 144 4.16 -16.60 3.49
N VAL B 145 4.16 -15.41 4.10
CA VAL B 145 3.44 -15.24 5.37
C VAL B 145 1.97 -15.57 5.18
N TRP B 146 1.39 -15.11 4.06
CA TRP B 146 -0.02 -15.37 3.83
C TRP B 146 -0.30 -16.86 3.68
N GLU B 147 0.55 -17.58 2.95
CA GLU B 147 0.31 -19.00 2.76
C GLU B 147 0.42 -19.77 4.07
N ILE B 148 1.35 -19.37 4.93
CA ILE B 148 1.43 -20.00 6.25
C ILE B 148 0.09 -19.88 6.95
N ILE B 149 -0.48 -18.68 6.97
CA ILE B 149 -1.77 -18.45 7.62
C ILE B 149 -2.87 -19.22 6.91
N LYS B 150 -2.97 -19.06 5.59
CA LYS B 150 -4.06 -19.70 4.86
C LYS B 150 -3.96 -21.22 4.90
N ARG B 151 -2.76 -21.77 4.71
CA ARG B 151 -2.63 -23.22 4.61
C ARG B 151 -2.78 -23.88 5.98
N THR B 152 -2.37 -23.20 7.05
CA THR B 152 -2.68 -23.68 8.39
C THR B 152 -4.14 -23.51 8.75
N GLY B 153 -4.88 -22.63 8.06
CA GLY B 153 -6.29 -22.46 8.31
C GLY B 153 -6.62 -21.54 9.46
N ILE B 154 -5.75 -20.58 9.75
CA ILE B 154 -5.95 -19.60 10.80
C ILE B 154 -6.89 -18.50 10.31
N PRO B 155 -8.04 -18.30 10.95
CA PRO B 155 -9.01 -17.32 10.43
C PRO B 155 -8.45 -15.91 10.47
N THR B 156 -8.78 -15.14 9.44
CA THR B 156 -8.36 -13.75 9.33
C THR B 156 -9.51 -12.75 9.24
N LEU B 157 -10.67 -13.17 8.74
CA LEU B 157 -11.75 -12.23 8.42
C LEU B 157 -12.20 -11.46 9.65
N GLY B 158 -12.05 -10.13 9.60
CA GLY B 158 -12.40 -9.27 10.71
C GLY B 158 -11.50 -9.37 11.92
N LYS B 159 -10.46 -10.19 11.88
CA LYS B 159 -9.58 -10.38 13.01
C LYS B 159 -8.57 -9.24 13.11
N ASN B 160 -7.86 -9.20 14.24
CA ASN B 160 -6.87 -8.17 14.52
C ASN B 160 -5.47 -8.69 14.23
N VAL B 161 -4.79 -8.05 13.28
CA VAL B 161 -3.44 -8.41 12.90
C VAL B 161 -2.53 -7.24 13.25
N VAL B 162 -1.40 -7.52 13.87
CA VAL B 162 -0.37 -6.53 14.10
C VAL B 162 0.88 -6.95 13.34
N VAL B 163 1.43 -6.02 12.57
CA VAL B 163 2.70 -6.21 11.87
C VAL B 163 3.70 -5.24 12.46
N ALA B 164 4.79 -5.77 12.99
CA ALA B 164 5.86 -4.95 13.55
C ALA B 164 6.98 -4.92 12.51
N GLY B 165 7.05 -3.86 11.73
CA GLY B 165 7.95 -3.80 10.59
C GLY B 165 9.22 -2.99 10.90
N ARG B 166 10.34 -3.47 10.35
CA ARG B 166 11.59 -2.73 10.45
C ARG B 166 11.61 -1.51 9.51
N SER B 167 10.80 -1.53 8.46
CA SER B 167 10.67 -0.41 7.55
C SER B 167 9.37 -0.57 6.79
N LYS B 168 9.02 0.46 6.03
CA LYS B 168 7.79 0.43 5.25
C LYS B 168 7.79 -0.72 4.24
N ASN B 169 8.92 -0.95 3.57
CA ASN B 169 9.01 -2.01 2.55
C ASN B 169 8.72 -3.38 3.13
N VAL B 170 9.03 -3.58 4.41
CA VAL B 170 8.84 -4.88 5.06
C VAL B 170 7.41 -5.03 5.57
N GLY B 171 6.94 -4.10 6.40
CA GLY B 171 5.63 -4.22 7.02
C GLY B 171 4.44 -3.95 6.12
N MET B 172 4.54 -2.93 5.26
CA MET B 172 3.40 -2.52 4.44
C MET B 172 2.89 -3.63 3.51
N PRO B 173 3.72 -4.29 2.70
CA PRO B 173 3.18 -5.33 1.81
C PRO B 173 2.49 -6.47 2.56
N ILE B 174 2.99 -6.83 3.74
CA ILE B 174 2.34 -7.87 4.53
C ILE B 174 0.97 -7.40 4.99
N ALA B 175 0.93 -6.19 5.55
CA ALA B 175 -0.32 -5.60 5.99
C ALA B 175 -1.30 -5.46 4.83
N MET B 176 -0.82 -5.01 3.67
CA MET B 176 -1.63 -4.85 2.46
C MET B 176 -2.37 -6.13 2.11
N LEU B 177 -1.63 -7.25 2.04
CA LEU B 177 -2.24 -8.52 1.69
C LEU B 177 -3.30 -8.93 2.71
N LEU B 178 -3.00 -8.76 4.01
CA LEU B 178 -3.95 -9.22 5.01
C LEU B 178 -5.18 -8.32 5.11
N HIS B 179 -5.06 -7.04 4.75
CA HIS B 179 -6.20 -6.13 4.77
C HIS B 179 -7.09 -6.28 3.54
N THR B 180 -6.54 -6.75 2.43
CA THR B 180 -7.27 -6.82 1.18
C THR B 180 -8.50 -7.72 1.33
N ASP B 181 -9.55 -7.39 0.57
CA ASP B 181 -10.76 -8.22 0.54
C ASP B 181 -10.39 -9.62 0.09
N GLY B 182 -10.87 -10.63 0.82
CA GLY B 182 -10.75 -12.01 0.36
C GLY B 182 -11.70 -12.32 -0.79
N PRO B 187 -4.82 -13.78 -2.93
CA PRO B 187 -4.81 -13.67 -1.46
C PRO B 187 -5.58 -12.47 -0.92
N GLY B 188 -5.87 -12.50 0.38
CA GLY B 188 -6.49 -11.39 1.07
C GLY B 188 -7.30 -11.83 2.27
N GLY B 189 -7.06 -11.18 3.41
CA GLY B 189 -7.56 -11.65 4.68
C GLY B 189 -8.78 -10.97 5.27
N ASP B 190 -9.22 -9.84 4.69
CA ASP B 190 -10.31 -9.04 5.26
C ASP B 190 -10.05 -8.69 6.72
N ALA B 191 -8.81 -8.43 7.09
CA ALA B 191 -8.45 -8.26 8.49
C ALA B 191 -8.18 -6.80 8.81
N THR B 192 -8.46 -6.44 10.06
CA THR B 192 -7.95 -5.18 10.59
C THR B 192 -6.47 -5.35 10.86
N VAL B 193 -5.67 -4.38 10.43
CA VAL B 193 -4.23 -4.51 10.48
C VAL B 193 -3.63 -3.29 11.13
N THR B 194 -2.76 -3.49 12.10
CA THR B 194 -1.95 -2.43 12.68
C THR B 194 -0.52 -2.59 12.21
N ILE B 195 0.09 -1.48 11.79
CA ILE B 195 1.46 -1.48 11.32
C ILE B 195 2.25 -0.63 12.30
N SER B 196 2.91 -1.29 13.24
CA SER B 196 3.67 -0.53 14.22
C SER B 196 4.93 -0.01 13.57
N HIS B 197 5.46 1.04 14.14
CA HIS B 197 6.44 1.77 13.38
C HIS B 197 7.80 1.38 13.94
N ARG B 198 8.86 1.64 13.18
CA ARG B 198 10.17 1.35 13.71
C ARG B 198 10.42 2.19 14.96
N TYR B 199 11.16 1.61 15.91
CA TYR B 199 11.48 2.27 17.18
C TYR B 199 10.25 2.57 18.03
N THR B 200 9.13 1.91 17.76
CA THR B 200 7.93 2.07 18.59
C THR B 200 8.19 1.53 19.99
N PRO B 201 7.72 2.21 21.04
CA PRO B 201 7.92 1.71 22.41
C PRO B 201 7.37 0.31 22.59
N LYS B 202 8.19 -0.56 23.19
CA LYS B 202 7.77 -1.93 23.42
C LYS B 202 6.46 -1.99 24.21
N GLU B 203 6.29 -1.06 25.17
CA GLU B 203 5.04 -1.00 25.92
C GLU B 203 3.91 -0.39 25.11
N GLN B 204 4.23 0.49 24.17
CA GLN B 204 3.21 1.01 23.25
C GLN B 204 2.71 -0.07 22.30
N LEU B 205 3.64 -0.86 21.75
CA LEU B 205 3.26 -1.98 20.89
C LEU B 205 2.47 -3.02 21.67
N LYS B 206 2.79 -3.20 22.96
CA LYS B 206 2.08 -4.18 23.78
C LYS B 206 0.58 -3.91 23.73
N LYS B 207 0.17 -2.64 23.74
CA LYS B 207 -1.24 -2.30 23.72
C LYS B 207 -1.95 -2.81 22.47
N HIS B 208 -1.23 -2.88 21.34
CA HIS B 208 -1.85 -3.43 20.14
C HIS B 208 -1.69 -4.95 20.04
N THR B 209 -0.54 -5.49 20.45
CA THR B 209 -0.34 -6.94 20.33
C THR B 209 -1.32 -7.70 21.20
N ILE B 210 -1.61 -7.18 22.41
CA ILE B 210 -2.56 -7.79 23.33
C ILE B 210 -3.92 -8.08 22.67
N LEU B 211 -4.32 -7.23 21.74
CA LEU B 211 -5.59 -7.40 21.03
C LEU B 211 -5.50 -8.33 19.84
N ALA B 212 -4.29 -8.68 19.40
CA ALA B 212 -4.09 -9.31 18.10
C ALA B 212 -4.43 -10.79 18.12
N ASP B 213 -5.20 -11.23 17.13
CA ASP B 213 -5.30 -12.66 16.85
C ASP B 213 -4.06 -13.20 16.14
N ILE B 214 -3.39 -12.35 15.34
CA ILE B 214 -2.19 -12.72 14.60
C ILE B 214 -1.15 -11.64 14.83
N VAL B 215 0.01 -12.03 15.33
CA VAL B 215 1.14 -11.13 15.51
C VAL B 215 2.22 -11.54 14.51
N ILE B 216 2.60 -10.60 13.64
CA ILE B 216 3.63 -10.84 12.64
C ILE B 216 4.77 -9.90 12.96
N SER B 217 5.87 -10.45 13.45
CA SER B 217 7.01 -9.64 13.87
C SER B 217 8.10 -9.72 12.81
N ALA B 218 8.46 -8.55 12.28
CA ALA B 218 9.43 -8.44 11.21
C ALA B 218 10.34 -7.27 11.48
N ALA B 219 10.71 -7.10 12.74
CA ALA B 219 11.43 -5.90 13.20
C ALA B 219 12.92 -6.11 13.36
N GLY B 220 13.37 -7.35 13.56
CA GLY B 220 14.77 -7.61 13.78
C GLY B 220 15.28 -7.08 15.12
N ILE B 221 14.55 -7.35 16.20
CA ILE B 221 15.14 -7.20 17.53
C ILE B 221 14.80 -8.45 18.33
N PRO B 222 15.78 -9.09 18.96
CA PRO B 222 15.51 -10.29 19.74
C PRO B 222 14.55 -10.00 20.88
N ASN B 223 13.71 -10.98 21.18
CA ASN B 223 12.81 -10.95 22.34
C ASN B 223 11.88 -9.74 22.30
N LEU B 224 11.56 -9.26 21.11
CA LEU B 224 10.55 -8.21 21.01
C LEU B 224 9.22 -8.73 21.54
N ILE B 225 8.88 -9.95 21.16
CA ILE B 225 7.57 -10.54 21.39
C ILE B 225 7.74 -11.55 22.53
N THR B 226 7.33 -11.16 23.72
CA THR B 226 7.34 -12.05 24.88
C THR B 226 5.89 -12.41 25.21
N ALA B 227 5.73 -13.33 26.16
CA ALA B 227 4.39 -13.87 26.42
C ALA B 227 3.43 -12.80 26.91
N ASP B 228 3.91 -11.85 27.71
CA ASP B 228 3.05 -10.79 28.24
C ASP B 228 2.47 -9.89 27.16
N MET B 229 2.74 -10.17 25.88
CA MET B 229 2.24 -9.36 24.79
C MET B 229 1.18 -10.07 23.97
N ILE B 230 0.84 -11.29 24.33
CA ILE B 230 0.01 -12.14 23.50
C ILE B 230 -1.19 -12.58 24.30
N LYS B 231 -2.34 -12.66 23.63
CA LYS B 231 -3.52 -13.26 24.19
C LYS B 231 -3.57 -14.73 23.80
N GLU B 232 -4.20 -15.55 24.65
CA GLU B 232 -4.13 -16.98 24.47
C GLU B 232 -4.78 -17.42 23.17
N GLY B 233 -4.15 -18.38 22.49
CA GLY B 233 -4.64 -18.88 21.24
C GLY B 233 -4.22 -18.08 20.02
N ALA B 234 -3.53 -16.97 20.21
CA ALA B 234 -3.12 -16.13 19.09
C ALA B 234 -2.06 -16.85 18.25
N ALA B 235 -2.00 -16.49 16.97
CA ALA B 235 -0.96 -17.00 16.07
C ALA B 235 0.18 -16.00 16.01
N VAL B 236 1.40 -16.47 16.23
CA VAL B 236 2.60 -15.65 16.23
C VAL B 236 3.50 -16.13 15.10
N ILE B 237 3.82 -15.22 14.18
CA ILE B 237 4.61 -15.51 13.00
C ILE B 237 5.89 -14.69 13.06
N ASP B 238 7.03 -15.37 13.12
CA ASP B 238 8.31 -14.74 13.36
C ASP B 238 9.03 -14.56 12.02
N VAL B 239 9.12 -13.30 11.57
CA VAL B 239 9.88 -12.95 10.37
C VAL B 239 11.24 -12.36 10.71
N GLY B 240 11.51 -12.14 12.00
CA GLY B 240 12.77 -11.53 12.37
C GLY B 240 13.95 -12.41 12.01
N ILE B 241 15.06 -11.75 11.70
CA ILE B 241 16.35 -12.38 11.49
C ILE B 241 17.35 -11.67 12.38
N ASN B 242 17.95 -12.40 13.31
CA ASN B 242 18.88 -11.78 14.24
C ASN B 242 20.07 -12.71 14.47
N ARG B 243 21.26 -12.13 14.58
CA ARG B 243 22.46 -12.83 15.01
C ARG B 243 22.80 -12.38 16.42
N VAL B 244 22.85 -13.32 17.37
CA VAL B 244 23.20 -13.00 18.75
C VAL B 244 24.22 -13.99 19.30
N PRO B 252 26.98 -16.93 18.89
CA PRO B 252 26.83 -16.54 17.47
C PRO B 252 25.78 -17.36 16.72
N LYS B 253 24.50 -17.00 16.86
CA LYS B 253 23.48 -17.81 16.22
C LYS B 253 22.27 -16.98 15.83
N LEU B 254 21.56 -17.52 14.83
CA LEU B 254 20.36 -16.95 14.26
C LEU B 254 19.13 -17.19 15.14
N VAL B 255 18.41 -16.12 15.47
CA VAL B 255 17.14 -16.19 16.18
C VAL B 255 16.18 -15.19 15.56
N GLY B 256 14.90 -15.39 15.82
CA GLY B 256 13.86 -14.48 15.36
C GLY B 256 13.60 -13.37 16.35
N ASP B 257 12.42 -12.76 16.23
CA ASP B 257 11.97 -11.68 17.11
C ASP B 257 11.23 -12.20 18.33
N VAL B 258 10.82 -13.43 18.30
CA VAL B 258 9.97 -13.98 19.34
C VAL B 258 10.84 -14.69 20.37
N ASP B 259 10.45 -14.59 21.63
CA ASP B 259 10.94 -15.46 22.71
C ASP B 259 10.20 -16.77 22.52
N PHE B 260 10.82 -17.70 21.78
CA PHE B 260 10.10 -18.88 21.32
C PHE B 260 9.60 -19.73 22.49
N GLU B 261 10.48 -20.07 23.44
CA GLU B 261 10.04 -20.94 24.51
C GLU B 261 8.98 -20.27 25.39
N GLY B 262 9.14 -18.97 25.65
CA GLY B 262 8.14 -18.26 26.44
C GLY B 262 6.79 -18.17 25.76
N VAL B 263 6.78 -17.73 24.50
CA VAL B 263 5.53 -17.55 23.76
C VAL B 263 4.89 -18.90 23.44
N ARG B 264 5.69 -19.96 23.36
CA ARG B 264 5.19 -21.30 23.07
C ARG B 264 4.09 -21.73 24.05
N GLN B 265 4.23 -21.37 25.33
CA GLN B 265 3.15 -21.58 26.29
C GLN B 265 1.91 -20.76 25.96
N LYS B 266 2.09 -19.46 25.74
CA LYS B 266 0.96 -18.54 25.62
C LYS B 266 0.20 -18.73 24.31
N ALA B 267 0.92 -18.85 23.19
CA ALA B 267 0.31 -18.74 21.86
C ALA B 267 -0.44 -20.01 21.46
N GLY B 268 -1.34 -19.85 20.50
CA GLY B 268 -2.02 -20.96 19.88
C GLY B 268 -1.24 -21.53 18.70
N TYR B 269 -0.43 -20.70 18.03
CA TYR B 269 0.41 -21.12 16.93
C TYR B 269 1.69 -20.31 16.97
N ILE B 270 2.78 -20.91 16.47
CA ILE B 270 4.08 -20.22 16.49
C ILE B 270 4.94 -20.77 15.36
N THR B 271 5.72 -19.90 14.75
CA THR B 271 6.65 -20.37 13.74
C THR B 271 8.06 -20.25 14.28
N PRO B 272 8.92 -21.22 14.01
CA PRO B 272 10.31 -21.13 14.49
C PRO B 272 11.17 -20.32 13.54
N VAL B 273 12.32 -19.90 14.06
CA VAL B 273 13.39 -19.34 13.25
C VAL B 273 14.65 -20.06 13.68
N PRO B 274 15.35 -20.78 12.77
CA PRO B 274 15.06 -20.96 11.35
C PRO B 274 13.91 -21.94 11.10
N GLY B 275 13.63 -22.26 9.83
CA GLY B 275 12.63 -23.26 9.54
C GLY B 275 11.20 -22.79 9.44
N GLY B 276 10.95 -21.48 9.55
CA GLY B 276 9.59 -20.99 9.42
C GLY B 276 9.32 -20.21 8.15
N VAL B 277 9.36 -18.87 8.25
CA VAL B 277 9.08 -18.00 7.10
C VAL B 277 10.17 -18.17 6.04
N GLY B 278 11.41 -18.37 6.45
CA GLY B 278 12.53 -18.49 5.55
C GLY B 278 12.27 -19.39 4.36
N PRO B 279 11.95 -20.67 4.61
CA PRO B 279 11.69 -21.59 3.48
C PRO B 279 10.47 -21.23 2.68
N MET B 280 9.49 -20.57 3.30
CA MET B 280 8.30 -20.12 2.58
C MET B 280 8.64 -19.00 1.59
N THR B 281 9.52 -18.08 2.00
CA THR B 281 9.99 -17.04 1.07
C THR B 281 10.59 -17.67 -0.18
N VAL B 282 11.46 -18.67 0.02
CA VAL B 282 12.09 -19.34 -1.11
C VAL B 282 11.07 -20.05 -1.98
N ALA B 283 10.11 -20.76 -1.36
CA ALA B 283 9.12 -21.50 -2.12
C ALA B 283 8.24 -20.59 -2.96
N MET B 284 7.80 -19.45 -2.42
CA MET B 284 6.92 -18.58 -3.21
C MET B 284 7.64 -17.98 -4.41
N LEU B 285 8.94 -17.72 -4.29
CA LEU B 285 9.72 -17.31 -5.46
C LEU B 285 9.63 -18.36 -6.57
N MET B 286 9.60 -19.64 -6.21
CA MET B 286 9.42 -20.67 -7.23
C MET B 286 8.06 -20.54 -7.91
N LYS B 287 6.99 -20.28 -7.14
CA LYS B 287 5.69 -19.98 -7.76
C LYS B 287 5.79 -18.79 -8.70
N ASN B 288 6.44 -17.70 -8.26
CA ASN B 288 6.53 -16.52 -9.12
C ASN B 288 7.28 -16.81 -10.40
N THR B 289 8.26 -17.73 -10.36
CA THR B 289 9.06 -17.96 -11.55
C THR B 289 8.30 -18.76 -12.61
N ILE B 290 7.51 -19.76 -12.19
CA ILE B 290 6.69 -20.45 -13.19
C ILE B 290 5.60 -19.52 -13.72
N ILE B 291 5.03 -18.67 -12.85
CA ILE B 291 4.07 -17.68 -13.32
C ILE B 291 4.69 -16.81 -14.42
N ALA B 292 5.90 -16.31 -14.18
CA ALA B 292 6.56 -15.46 -15.18
C ALA B 292 6.87 -16.23 -16.46
N ALA B 293 7.28 -17.49 -16.34
CA ALA B 293 7.57 -18.25 -17.56
C ALA B 293 6.33 -18.49 -18.38
N LYS B 294 5.16 -18.54 -17.74
CA LYS B 294 3.92 -18.79 -18.44
C LYS B 294 3.35 -17.54 -19.14
N LYS B 295 3.79 -16.34 -18.76
CA LYS B 295 3.32 -15.10 -19.39
C LYS B 295 1.80 -14.99 -19.51
#